data_5ID9
#
_entry.id   5ID9
#
_cell.length_a   93.860
_cell.length_b   93.860
_cell.length_c   141.790
_cell.angle_alpha   90.00
_cell.angle_beta   90.00
_cell.angle_gamma   120.00
#
_symmetry.space_group_name_H-M   'P 61'
#
loop_
_entity.id
_entity.type
_entity.pdbx_description
1 polymer 'Serum albumin'
2 non-polymer (4S)-2-sulfanylidene-4-[(tetradecanoyloxy)methyl]-1,3,2lambda~5~-dioxaphospholane-2-thiolate
3 non-polymer 'MALONATE ION'
4 non-polymer 'FORMIC ACID'
5 water water
#
_entity_poly.entity_id   1
_entity_poly.type   'polypeptide(L)'
_entity_poly.pdbx_seq_one_letter_code
;DTHKSEIAHRFNDLGEKHFKGLVLVAFSQYLQQCPFEDHVKLVNEVTEFAKKCAADESAENCDKSLHTLFGDKLCTVATL
RATYGELADCCEKQEPERNECFLTHKDDHPNLPKLKPEPDAQCAAFQEDPDKFLGKYLYEVARRHPYFYGPELLFHAEEY
KADFTECCPADDKAGCLIPKLDALKERILLSSAKERLKCSSFQNFGERAVKAWSVARLSQKFPKADFAEVSKIVTDLTKV
HKECCHGDLLECADDRADLAKYICEHQDSISGKLKACCDKPLLQKSHCIAEVKEDDLPSDLPALAADFAEDKEICKHYKD
AKDVFLGTFLYEYSRRHPDYSVSLLLRIAKTYEATLEKCCAEADPPACYATVFDQFTPLVEEPKSLVKKNCDLFEEVGEY
DFQNALIVRYTKKAPQVSTPTLVEIGRTLGKVGSRCCKLPESERLPCSENHLALALNRLCVLHEKTPVSEKITKCCTDSL
AERRPCFSALELDEGYVPKEFKAETFTFHADICTLPEDEKQIKKQSALAELVKHKPKATKEQLKTVLGNFSAFVAKCCGA
EDKEACFAEEGPKLVASSQLALA
;
_entity_poly.pdbx_strand_id   A
#
# COMPACT_ATOMS: atom_id res chain seq x y z
N LYS A 4 -30.52 14.59 11.35
CA LYS A 4 -31.22 15.84 10.96
C LYS A 4 -30.37 16.55 9.92
N SER A 5 -29.30 17.24 10.35
CA SER A 5 -28.28 17.70 9.46
C SER A 5 -27.01 16.95 9.68
N GLU A 6 -26.68 16.10 8.71
CA GLU A 6 -25.48 15.29 8.78
C GLU A 6 -24.20 16.17 8.79
N ILE A 7 -24.18 17.20 7.95
CA ILE A 7 -23.03 18.10 7.86
C ILE A 7 -22.80 18.91 9.14
N ALA A 8 -23.87 19.37 9.76
CA ALA A 8 -23.74 19.93 11.13
C ALA A 8 -23.21 18.86 12.17
N HIS A 9 -23.78 17.67 12.17
CA HIS A 9 -23.29 16.62 13.06
C HIS A 9 -21.77 16.51 12.96
N ARG A 10 -21.29 16.22 11.73
CA ARG A 10 -19.88 15.90 11.48
C ARG A 10 -19.00 17.11 11.76
N PHE A 11 -19.46 18.29 11.30
CA PHE A 11 -18.84 19.56 11.76
C PHE A 11 -18.75 19.58 13.30
N ASN A 12 -19.85 19.31 14.01
CA ASN A 12 -19.80 19.39 15.50
C ASN A 12 -18.89 18.35 16.09
N ASP A 13 -18.93 17.14 15.60
CA ASP A 13 -18.05 16.12 16.09
C ASP A 13 -16.57 16.33 15.85
N LEU A 14 -16.21 16.78 14.66
CA LEU A 14 -14.82 16.81 14.30
C LEU A 14 -14.07 18.10 14.60
N GLY A 15 -14.77 19.23 14.68
CA GLY A 15 -14.12 20.50 14.86
C GLY A 15 -13.68 21.03 13.53
N GLU A 16 -13.42 22.33 13.48
CA GLU A 16 -13.24 23.00 12.19
C GLU A 16 -11.96 22.57 11.48
N LYS A 17 -10.87 22.44 12.21
CA LYS A 17 -9.60 22.11 11.58
C LYS A 17 -9.66 20.72 10.88
N HIS A 18 -10.08 19.72 11.63
CA HIS A 18 -10.23 18.40 11.14
C HIS A 18 -11.31 18.31 10.07
N PHE A 19 -12.44 18.95 10.28
CA PHE A 19 -13.48 18.94 9.28
C PHE A 19 -12.91 19.45 7.91
N LYS A 20 -12.23 20.55 7.95
CA LYS A 20 -11.63 21.14 6.78
C LYS A 20 -10.56 20.30 6.14
N GLY A 21 -9.65 19.77 6.99
CA GLY A 21 -8.58 18.89 6.51
C GLY A 21 -9.20 17.73 5.72
N LEU A 22 -10.16 17.06 6.34
CA LEU A 22 -10.74 15.89 5.77
C LEU A 22 -11.48 16.20 4.46
N VAL A 23 -12.13 17.36 4.43
CA VAL A 23 -12.82 17.77 3.22
C VAL A 23 -11.84 18.14 2.08
N LEU A 24 -10.75 18.83 2.43
CA LEU A 24 -9.71 19.14 1.48
C LEU A 24 -9.15 17.81 0.95
N VAL A 25 -8.85 16.87 1.87
CA VAL A 25 -8.35 15.54 1.42
C VAL A 25 -9.36 14.92 0.50
N ALA A 26 -10.60 14.80 0.92
CA ALA A 26 -11.61 14.22 0.00
C ALA A 26 -11.68 14.84 -1.43
N PHE A 27 -11.76 16.16 -1.53
CA PHE A 27 -11.86 16.81 -2.83
C PHE A 27 -10.64 16.55 -3.66
N SER A 28 -9.45 16.66 -3.01
CA SER A 28 -8.16 16.36 -3.66
C SER A 28 -8.05 14.97 -4.29
N GLN A 29 -8.71 13.99 -3.70
CA GLN A 29 -8.65 12.60 -4.15
C GLN A 29 -9.64 12.39 -5.23
N TYR A 30 -10.81 13.02 -5.10
CA TYR A 30 -11.86 12.90 -6.12
C TYR A 30 -11.48 13.69 -7.36
N LEU A 31 -10.88 14.88 -7.18
CA LEU A 31 -10.48 15.77 -8.29
C LEU A 31 -9.00 16.12 -8.33
N GLN A 32 -8.22 15.19 -8.89
CA GLN A 32 -6.79 15.22 -8.72
C GLN A 32 -6.19 16.28 -9.58
N GLN A 33 -6.79 16.52 -10.75
CA GLN A 33 -6.23 17.45 -11.75
C GLN A 33 -6.52 18.95 -11.46
N CYS A 34 -7.55 19.22 -10.65
CA CYS A 34 -7.99 20.57 -10.17
C CYS A 34 -6.89 21.36 -9.41
N PRO A 35 -6.70 22.66 -9.73
CA PRO A 35 -5.67 23.47 -9.03
C PRO A 35 -5.97 23.66 -7.52
N PHE A 36 -4.92 23.85 -6.74
CA PHE A 36 -5.06 24.10 -5.32
C PHE A 36 -6.12 25.20 -4.94
N GLU A 37 -6.05 26.34 -5.61
CA GLU A 37 -6.96 27.49 -5.44
C GLU A 37 -8.41 27.11 -5.49
N ASP A 38 -8.86 26.48 -6.56
CA ASP A 38 -10.26 26.06 -6.62
C ASP A 38 -10.65 25.20 -5.39
N HIS A 39 -9.77 24.25 -5.00
CA HIS A 39 -10.06 23.40 -3.85
C HIS A 39 -10.22 24.18 -2.53
N VAL A 40 -9.43 25.23 -2.32
CA VAL A 40 -9.57 25.97 -1.08
C VAL A 40 -10.91 26.69 -1.03
N LYS A 41 -11.29 27.33 -2.12
CA LYS A 41 -12.60 27.96 -2.20
C LYS A 41 -13.70 26.93 -1.96
N LEU A 42 -13.53 25.76 -2.52
CA LEU A 42 -14.54 24.75 -2.41
C LEU A 42 -14.72 24.29 -1.00
N VAL A 43 -13.62 24.10 -0.29
CA VAL A 43 -13.63 23.71 1.11
C VAL A 43 -14.20 24.81 1.97
N ASN A 44 -13.69 26.03 1.80
CA ASN A 44 -14.19 27.13 2.61
C ASN A 44 -15.71 27.30 2.49
N GLU A 45 -16.25 27.16 1.29
CA GLU A 45 -17.66 27.26 1.03
C GLU A 45 -18.50 26.14 1.70
N VAL A 46 -17.99 24.93 1.64
CA VAL A 46 -18.67 23.83 2.24
C VAL A 46 -18.61 24.00 3.77
N THR A 47 -17.47 24.41 4.27
CA THR A 47 -17.27 24.68 5.70
C THR A 47 -18.22 25.80 6.20
N GLU A 48 -18.32 26.87 5.45
CA GLU A 48 -19.30 27.96 5.72
C GLU A 48 -20.71 27.46 5.86
N PHE A 49 -21.10 26.63 4.90
CA PHE A 49 -22.43 25.97 4.89
C PHE A 49 -22.68 25.09 6.13
N ALA A 50 -21.69 24.27 6.44
CA ALA A 50 -21.74 23.53 7.66
C ALA A 50 -21.98 24.40 8.91
N LYS A 51 -21.41 25.61 8.96
CA LYS A 51 -21.54 26.38 10.19
C LYS A 51 -22.94 26.90 10.26
N LYS A 52 -23.40 27.34 9.11
CA LYS A 52 -24.70 27.86 9.01
C LYS A 52 -25.63 26.72 9.40
N CYS A 53 -25.40 25.51 8.87
CA CYS A 53 -26.21 24.36 9.25
C CYS A 53 -26.11 24.03 10.75
N ALA A 54 -24.94 24.18 11.37
CA ALA A 54 -24.79 23.89 12.80
C ALA A 54 -25.54 24.81 13.73
N ALA A 55 -25.86 26.02 13.32
CA ALA A 55 -26.69 26.93 14.07
C ALA A 55 -28.21 26.99 13.76
N ASP A 56 -28.63 26.47 12.60
CA ASP A 56 -30.05 26.26 12.23
C ASP A 56 -30.08 25.03 11.29
N GLU A 57 -30.24 23.87 11.90
CA GLU A 57 -30.23 22.60 11.20
C GLU A 57 -31.47 22.34 10.34
N SER A 58 -32.45 23.24 10.42
CA SER A 58 -33.61 23.20 9.56
C SER A 58 -33.49 24.21 8.44
N ALA A 59 -32.31 24.76 8.17
CA ALA A 59 -32.14 25.69 7.05
C ALA A 59 -32.19 24.93 5.71
N GLU A 60 -32.30 25.69 4.62
CA GLU A 60 -32.51 25.15 3.29
C GLU A 60 -31.31 24.23 2.98
N ASN A 61 -31.63 22.95 2.72
CA ASN A 61 -30.69 21.90 2.31
C ASN A 61 -29.72 21.42 3.38
N CYS A 62 -29.95 21.75 4.64
CA CYS A 62 -29.07 21.25 5.72
C CYS A 62 -29.28 19.74 5.99
N ASP A 63 -30.49 19.27 5.63
CA ASP A 63 -30.91 17.85 5.73
C ASP A 63 -30.40 16.87 4.66
N LYS A 64 -29.92 17.41 3.53
CA LYS A 64 -29.26 16.63 2.45
C LYS A 64 -28.07 15.80 2.93
N SER A 65 -27.80 14.72 2.22
CA SER A 65 -26.71 13.85 2.57
C SER A 65 -25.42 14.57 2.17
N LEU A 66 -24.34 14.16 2.78
CA LEU A 66 -23.02 14.71 2.50
C LEU A 66 -22.59 14.57 1.04
N HIS A 67 -22.70 13.36 0.52
CA HIS A 67 -22.40 13.10 -0.87
C HIS A 67 -23.24 13.92 -1.78
N THR A 68 -24.50 14.16 -1.46
CA THR A 68 -25.21 15.14 -2.26
C THR A 68 -24.58 16.53 -2.15
N LEU A 69 -24.30 16.98 -0.93
CA LEU A 69 -23.76 18.31 -0.85
C LEU A 69 -22.35 18.38 -1.57
N PHE A 70 -21.51 17.37 -1.33
CA PHE A 70 -20.13 17.41 -1.80
C PHE A 70 -20.02 17.20 -3.27
N GLY A 71 -20.73 16.23 -3.80
CA GLY A 71 -20.82 16.10 -5.19
C GLY A 71 -21.38 17.33 -5.87
N ASP A 72 -22.39 17.97 -5.28
CA ASP A 72 -23.05 19.13 -5.93
C ASP A 72 -21.97 20.18 -6.18
N LYS A 73 -21.15 20.29 -5.15
CA LYS A 73 -20.15 21.28 -5.02
C LYS A 73 -19.05 20.97 -5.98
N LEU A 74 -18.55 19.75 -5.96
CA LEU A 74 -17.53 19.30 -6.91
C LEU A 74 -17.95 19.54 -8.31
N CYS A 75 -19.24 19.35 -8.58
CA CYS A 75 -19.81 19.49 -9.91
C CYS A 75 -19.93 20.93 -10.43
N THR A 76 -19.77 21.91 -9.55
CA THR A 76 -19.66 23.32 -9.96
C THR A 76 -18.29 23.63 -10.62
N VAL A 77 -17.30 22.81 -10.36
CA VAL A 77 -15.97 22.98 -10.95
C VAL A 77 -15.64 21.86 -11.96
N ALA A 78 -16.05 20.61 -11.69
CA ALA A 78 -15.76 19.41 -12.56
C ALA A 78 -16.41 19.36 -13.96
N THR A 79 -17.38 20.23 -14.16
CA THR A 79 -18.11 20.32 -15.41
C THR A 79 -17.16 20.73 -16.51
N LEU A 80 -15.97 21.19 -16.12
CA LEU A 80 -14.99 21.59 -17.08
C LEU A 80 -14.43 20.32 -17.63
N ARG A 81 -14.96 19.98 -18.80
CA ARG A 81 -14.53 18.84 -19.59
C ARG A 81 -13.06 18.96 -19.93
N ALA A 82 -12.63 20.17 -20.25
CA ALA A 82 -11.26 20.44 -20.67
C ALA A 82 -10.35 19.67 -19.74
N THR A 83 -10.59 19.90 -18.46
CA THR A 83 -9.68 19.62 -17.40
C THR A 83 -9.92 18.28 -16.63
N TYR A 84 -11.10 17.65 -16.76
CA TYR A 84 -11.41 16.32 -16.14
C TYR A 84 -12.51 15.68 -17.00
N GLY A 85 -12.15 15.13 -18.17
CA GLY A 85 -13.14 14.61 -19.15
C GLY A 85 -14.32 13.70 -18.81
N GLU A 86 -14.00 12.46 -18.39
CA GLU A 86 -14.86 11.46 -17.69
C GLU A 86 -15.71 12.05 -16.55
N LEU A 87 -15.06 12.77 -15.65
CA LEU A 87 -15.71 13.18 -14.43
C LEU A 87 -16.96 14.07 -14.66
N ALA A 88 -16.96 14.82 -15.73
CA ALA A 88 -18.10 15.64 -16.08
C ALA A 88 -19.40 14.82 -16.34
N ASP A 89 -19.31 13.58 -16.84
CA ASP A 89 -20.53 12.76 -17.00
C ASP A 89 -20.95 12.16 -15.65
N CYS A 90 -20.04 12.06 -14.71
CA CYS A 90 -20.45 11.70 -13.36
C CYS A 90 -21.39 12.75 -12.85
N CYS A 91 -21.21 14.03 -13.24
CA CYS A 91 -22.03 15.10 -12.70
C CYS A 91 -23.50 15.17 -13.13
N GLU A 92 -23.88 14.40 -14.12
CA GLU A 92 -25.26 14.31 -14.57
C GLU A 92 -26.08 13.24 -13.79
N LYS A 93 -25.43 12.48 -12.89
CA LYS A 93 -26.05 11.33 -12.20
C LYS A 93 -26.42 11.79 -10.81
N GLN A 94 -27.48 11.25 -10.22
CA GLN A 94 -27.80 11.51 -8.82
C GLN A 94 -27.14 10.45 -7.98
N GLU A 95 -27.09 10.71 -6.70
CA GLU A 95 -26.43 9.82 -5.78
C GLU A 95 -27.38 8.60 -5.59
N PRO A 96 -26.85 7.41 -5.34
CA PRO A 96 -25.41 7.12 -5.21
C PRO A 96 -24.65 6.82 -6.49
N GLU A 97 -25.32 6.81 -7.65
CA GLU A 97 -24.61 6.59 -8.92
C GLU A 97 -23.44 7.58 -9.06
N ARG A 98 -23.67 8.86 -8.72
CA ARG A 98 -22.69 9.85 -8.99
C ARG A 98 -21.40 9.52 -8.27
N ASN A 99 -21.50 9.19 -6.99
CA ASN A 99 -20.31 8.84 -6.16
C ASN A 99 -19.52 7.66 -6.72
N GLU A 100 -20.28 6.63 -7.01
CA GLU A 100 -19.78 5.49 -7.63
C GLU A 100 -19.02 5.89 -8.87
N CYS A 101 -19.57 6.78 -9.69
CA CYS A 101 -18.87 7.14 -10.91
C CYS A 101 -17.55 7.80 -10.60
N PHE A 102 -17.59 8.69 -9.64
CA PHE A 102 -16.38 9.38 -9.20
C PHE A 102 -15.33 8.40 -8.71
N LEU A 103 -15.76 7.45 -7.88
CA LEU A 103 -14.84 6.44 -7.40
C LEU A 103 -14.23 5.67 -8.55
N THR A 104 -15.05 5.12 -9.41
CA THR A 104 -14.58 4.36 -10.54
C THR A 104 -13.49 5.16 -11.28
N HIS A 105 -13.60 6.48 -11.36
CA HIS A 105 -12.67 7.23 -12.16
C HIS A 105 -11.48 7.89 -11.46
N LYS A 106 -11.34 7.76 -10.14
CA LYS A 106 -10.04 8.01 -9.46
C LYS A 106 -8.77 7.48 -10.19
N ASP A 107 -7.69 8.28 -10.30
CA ASP A 107 -6.47 7.89 -11.03
C ASP A 107 -5.40 7.41 -10.06
N ASP A 108 -4.94 6.19 -10.20
CA ASP A 108 -3.93 5.66 -9.29
C ASP A 108 -2.52 5.98 -9.77
N HIS A 109 -2.39 6.67 -10.88
CA HIS A 109 -1.09 6.98 -11.40
C HIS A 109 -1.18 8.19 -12.31
N PRO A 110 -1.53 9.36 -11.74
CA PRO A 110 -1.56 10.63 -12.44
C PRO A 110 -0.14 11.20 -12.86
N ASN A 111 0.93 10.61 -12.34
CA ASN A 111 2.33 10.92 -12.74
C ASN A 111 2.77 12.39 -12.57
N LEU A 112 2.18 13.04 -11.59
CA LEU A 112 2.41 14.42 -11.29
C LEU A 112 3.86 14.64 -10.95
N PRO A 113 4.36 15.84 -11.22
CA PRO A 113 5.64 16.22 -10.76
C PRO A 113 6.04 15.82 -9.36
N LYS A 114 7.21 15.22 -9.25
CA LYS A 114 7.75 14.65 -7.99
C LYS A 114 7.89 15.73 -6.94
N LEU A 115 7.67 15.40 -5.68
CA LEU A 115 7.68 16.42 -4.61
C LEU A 115 9.08 16.78 -4.08
N LYS A 116 9.54 17.98 -4.50
CA LYS A 116 10.93 18.44 -4.34
C LYS A 116 10.98 19.36 -3.12
N PRO A 117 11.60 18.92 -2.00
CA PRO A 117 11.66 19.85 -0.89
C PRO A 117 12.54 21.07 -1.24
N GLU A 118 12.17 22.24 -0.70
CA GLU A 118 12.68 23.58 -1.14
C GLU A 118 12.83 24.47 0.08
N PRO A 119 13.77 24.12 0.99
CA PRO A 119 13.68 24.53 2.39
C PRO A 119 13.49 26.03 2.57
N ASP A 120 14.12 26.83 1.72
CA ASP A 120 14.04 28.29 1.82
C ASP A 120 12.64 28.83 1.49
N ALA A 121 12.16 28.49 0.30
CA ALA A 121 10.88 29.04 -0.18
C ALA A 121 9.70 28.51 0.61
N GLN A 122 9.81 27.25 1.05
CA GLN A 122 8.74 26.58 1.79
C GLN A 122 8.66 27.10 3.23
N CYS A 123 9.80 27.38 3.85
CA CYS A 123 9.79 27.93 5.19
C CYS A 123 9.12 29.29 5.23
N ALA A 124 9.32 30.09 4.20
CA ALA A 124 8.61 31.39 4.07
C ALA A 124 7.11 31.20 3.98
N ALA A 125 6.69 30.25 3.13
CA ALA A 125 5.26 30.00 2.91
C ALA A 125 4.65 29.54 4.23
N PHE A 126 5.44 28.74 4.93
CA PHE A 126 5.04 28.21 6.20
C PHE A 126 4.73 29.31 7.16
N GLN A 127 5.53 30.39 7.12
CA GLN A 127 5.36 31.51 8.06
C GLN A 127 4.32 32.55 7.65
N GLU A 128 4.20 32.90 6.35
CA GLU A 128 3.16 33.86 5.96
C GLU A 128 1.79 33.27 6.31
N ASP A 129 1.59 31.98 5.98
CA ASP A 129 0.32 31.29 6.26
C ASP A 129 0.45 29.77 6.50
N PRO A 130 0.55 29.37 7.77
CA PRO A 130 0.77 27.94 8.05
C PRO A 130 -0.45 27.00 7.73
N ASP A 131 -1.69 27.45 7.97
CA ASP A 131 -2.87 26.64 7.69
C ASP A 131 -2.92 26.35 6.22
N LYS A 132 -2.74 27.37 5.39
CA LYS A 132 -2.68 27.24 3.92
C LYS A 132 -1.51 26.32 3.44
N PHE A 133 -0.41 26.36 4.18
CA PHE A 133 0.76 25.57 3.91
C PHE A 133 0.53 24.11 4.24
N LEU A 134 -0.04 23.85 5.40
CA LEU A 134 -0.56 22.50 5.69
C LEU A 134 -1.61 21.96 4.72
N GLY A 135 -2.59 22.78 4.38
CA GLY A 135 -3.59 22.46 3.37
C GLY A 135 -2.94 22.00 2.07
N LYS A 136 -1.88 22.68 1.67
CA LYS A 136 -1.21 22.33 0.42
C LYS A 136 -0.45 20.99 0.48
N TYR A 137 0.16 20.62 1.62
CA TYR A 137 0.64 19.25 1.82
C TYR A 137 -0.54 18.27 1.64
N LEU A 138 -1.64 18.45 2.38
CA LEU A 138 -2.81 17.55 2.20
C LEU A 138 -3.18 17.44 0.74
N TYR A 139 -3.18 18.56 0.08
CA TYR A 139 -3.54 18.60 -1.33
C TYR A 139 -2.57 17.77 -2.17
N GLU A 140 -1.30 18.04 -2.07
CA GLU A 140 -0.34 17.37 -2.90
C GLU A 140 -0.27 15.87 -2.62
N VAL A 141 -0.40 15.45 -1.36
CA VAL A 141 -0.33 14.04 -1.05
C VAL A 141 -1.60 13.33 -1.52
N ALA A 142 -2.75 13.84 -1.08
CA ALA A 142 -4.05 13.26 -1.41
C ALA A 142 -4.28 13.03 -2.86
N ARG A 143 -3.78 13.92 -3.69
CA ARG A 143 -4.09 13.85 -5.10
C ARG A 143 -3.19 12.87 -5.74
N ARG A 144 -2.05 12.58 -5.12
CA ARG A 144 -1.16 11.55 -5.64
C ARG A 144 -1.57 10.15 -5.21
N HIS A 145 -2.46 10.04 -4.23
CA HIS A 145 -2.71 8.84 -3.49
C HIS A 145 -4.19 9.00 -3.13
N PRO A 146 -5.06 8.73 -4.10
CA PRO A 146 -6.48 9.02 -3.89
C PRO A 146 -7.26 8.03 -3.07
N TYR A 147 -6.63 6.92 -2.66
CA TYR A 147 -7.25 6.08 -1.63
C TYR A 147 -6.47 6.13 -0.33
N PHE A 148 -5.61 7.15 -0.18
CA PHE A 148 -4.92 7.36 1.10
C PHE A 148 -5.92 7.40 2.25
N TYR A 149 -5.58 6.67 3.34
CA TYR A 149 -6.36 6.68 4.62
C TYR A 149 -6.43 8.17 4.93
N GLY A 150 -7.64 8.71 4.86
CA GLY A 150 -8.02 10.11 5.22
C GLY A 150 -7.47 10.68 6.51
N PRO A 151 -7.94 10.14 7.65
CA PRO A 151 -7.51 10.66 8.94
C PRO A 151 -6.03 10.52 9.15
N GLU A 152 -5.44 9.45 8.59
CA GLU A 152 -4.00 9.23 8.74
C GLU A 152 -3.21 10.32 8.06
N LEU A 153 -3.68 10.78 6.93
CA LEU A 153 -3.03 11.89 6.24
C LEU A 153 -2.99 13.18 7.12
N LEU A 154 -4.05 13.45 7.86
CA LEU A 154 -4.04 14.51 8.83
C LEU A 154 -2.93 14.37 9.86
N PHE A 155 -2.76 13.15 10.38
CA PHE A 155 -1.68 12.86 11.31
C PHE A 155 -0.33 13.19 10.67
N HIS A 156 -0.14 12.79 9.41
CA HIS A 156 1.13 13.02 8.73
C HIS A 156 1.37 14.49 8.48
N ALA A 157 0.30 15.23 8.24
CA ALA A 157 0.36 16.67 8.18
C ALA A 157 0.84 17.34 9.49
N GLU A 158 0.48 16.77 10.63
CA GLU A 158 1.04 17.26 11.91
C GLU A 158 2.55 16.98 12.00
N GLU A 159 3.01 15.86 11.48
CA GLU A 159 4.45 15.58 11.43
C GLU A 159 5.23 16.49 10.45
N TYR A 160 4.64 16.76 9.29
CA TYR A 160 5.20 17.67 8.35
C TYR A 160 5.33 19.06 9.01
N LYS A 161 4.32 19.48 9.75
CA LYS A 161 4.35 20.75 10.48
C LYS A 161 5.45 20.73 11.52
N ALA A 162 5.45 19.73 12.40
CA ALA A 162 6.55 19.50 13.36
C ALA A 162 7.94 19.61 12.71
N ASP A 163 8.14 18.92 11.60
CA ASP A 163 9.40 19.01 10.88
C ASP A 163 9.83 20.52 10.65
N PHE A 164 8.96 21.30 10.00
CA PHE A 164 9.21 22.70 9.64
C PHE A 164 9.30 23.64 10.85
N THR A 165 8.48 23.41 11.87
CA THR A 165 8.58 24.09 13.16
C THR A 165 9.98 23.89 13.83
N GLU A 166 10.57 22.68 13.76
CA GLU A 166 11.94 22.40 14.30
C GLU A 166 13.10 22.77 13.37
N CYS A 167 12.85 23.15 12.14
CA CYS A 167 13.99 23.31 11.19
C CYS A 167 14.14 24.68 10.59
N CYS A 168 13.04 25.38 10.32
CA CYS A 168 13.10 26.65 9.65
C CYS A 168 13.93 27.69 10.42
N PRO A 169 13.69 27.82 11.75
CA PRO A 169 14.46 28.86 12.46
C PRO A 169 15.95 28.51 12.56
N ALA A 170 16.29 27.23 12.67
CA ALA A 170 17.70 26.80 12.83
C ALA A 170 18.58 27.19 11.63
N ASP A 171 19.90 27.06 11.80
CA ASP A 171 20.87 27.65 10.84
C ASP A 171 20.95 26.91 9.50
N ASP A 172 21.41 25.66 9.52
CA ASP A 172 21.44 24.82 8.30
C ASP A 172 20.10 24.13 8.05
N LYS A 173 19.35 24.62 7.05
CA LYS A 173 17.91 24.30 6.87
C LYS A 173 17.76 22.94 6.25
N ALA A 174 18.35 22.80 5.07
CA ALA A 174 18.37 21.54 4.38
C ALA A 174 18.99 20.41 5.21
N GLY A 175 19.91 20.73 6.13
CA GLY A 175 20.61 19.70 6.91
C GLY A 175 19.71 19.02 7.92
N CYS A 176 19.00 19.87 8.69
CA CYS A 176 17.88 19.46 9.54
C CYS A 176 16.75 18.82 8.70
N LEU A 177 16.38 19.51 7.60
CA LEU A 177 15.06 19.39 7.00
C LEU A 177 14.91 18.33 5.93
N ILE A 178 15.90 18.16 5.06
CA ILE A 178 15.75 17.20 3.97
C ILE A 178 15.67 15.71 4.38
N PRO A 179 16.49 15.23 5.34
CA PRO A 179 16.37 13.80 5.73
C PRO A 179 15.04 13.45 6.36
N LYS A 180 14.45 14.43 7.04
CA LYS A 180 13.18 14.28 7.73
C LYS A 180 12.09 14.09 6.73
N LEU A 181 12.07 14.99 5.75
CA LEU A 181 11.11 14.93 4.66
C LEU A 181 11.28 13.71 3.77
N ASP A 182 12.50 13.21 3.61
CA ASP A 182 12.70 11.97 2.84
C ASP A 182 12.19 10.77 3.62
N ALA A 183 12.40 10.78 4.94
CA ALA A 183 11.83 9.78 5.84
C ALA A 183 10.30 9.87 5.91
N LEU A 184 9.78 11.07 5.81
CA LEU A 184 8.30 11.24 5.80
C LEU A 184 7.72 10.65 4.55
N LYS A 185 8.39 10.87 3.44
CA LYS A 185 8.00 10.30 2.16
C LYS A 185 7.98 8.75 2.20
N GLU A 186 8.93 8.11 2.90
CA GLU A 186 8.88 6.64 3.06
C GLU A 186 7.53 6.27 3.65
N ARG A 187 7.20 6.94 4.73
CA ARG A 187 6.07 6.60 5.53
C ARG A 187 4.75 6.83 4.81
N ILE A 188 4.72 7.88 3.97
CA ILE A 188 3.57 8.15 3.10
C ILE A 188 3.42 7.08 2.06
N LEU A 189 4.50 6.72 1.39
CA LEU A 189 4.44 5.69 0.34
C LEU A 189 3.93 4.36 0.89
N LEU A 190 4.67 3.80 1.83
CA LEU A 190 4.22 2.66 2.64
C LEU A 190 2.75 2.70 3.19
N SER A 191 2.34 3.80 3.80
CA SER A 191 0.97 3.93 4.30
C SER A 191 -0.09 3.89 3.20
N SER A 192 0.16 4.59 2.10
CA SER A 192 -0.74 4.53 0.93
C SER A 192 -0.89 3.15 0.37
N ALA A 193 0.25 2.48 0.24
CA ALA A 193 0.25 1.09 -0.23
C ALA A 193 -0.56 0.26 0.75
N LYS A 194 -0.43 0.47 2.06
CA LYS A 194 -1.26 -0.31 3.06
C LYS A 194 -2.76 -0.11 2.87
N GLU A 195 -3.19 1.15 2.78
CA GLU A 195 -4.60 1.49 2.59
C GLU A 195 -5.15 1.07 1.26
N ARG A 196 -4.36 1.22 0.22
CA ARG A 196 -4.75 0.75 -1.15
C ARG A 196 -5.04 -0.73 -1.16
N LEU A 197 -4.22 -1.51 -0.43
CA LEU A 197 -4.47 -2.94 -0.34
C LEU A 197 -5.83 -3.20 0.27
N LYS A 198 -6.27 -2.38 1.25
CA LYS A 198 -7.59 -2.54 1.87
C LYS A 198 -8.75 -2.28 0.94
N CYS A 199 -8.67 -1.16 0.25
CA CYS A 199 -9.69 -0.82 -0.72
C CYS A 199 -9.74 -1.79 -1.87
N SER A 200 -8.59 -2.28 -2.34
CA SER A 200 -8.57 -3.25 -3.46
C SER A 200 -9.21 -4.55 -2.99
N SER A 201 -8.93 -4.95 -1.76
CA SER A 201 -9.56 -6.18 -1.24
C SER A 201 -11.09 -6.01 -1.16
N PHE A 202 -11.56 -4.85 -0.72
CA PHE A 202 -13.03 -4.56 -0.86
C PHE A 202 -13.48 -4.67 -2.35
N GLN A 203 -12.81 -3.93 -3.24
CA GLN A 203 -13.18 -3.94 -4.67
C GLN A 203 -13.23 -5.33 -5.27
N ASN A 204 -12.11 -6.03 -5.22
CA ASN A 204 -11.88 -7.33 -5.86
C ASN A 204 -12.41 -8.63 -5.17
N PHE A 205 -12.53 -8.62 -3.85
CA PHE A 205 -12.87 -9.81 -3.10
C PHE A 205 -13.99 -9.73 -2.10
N GLY A 206 -14.35 -8.52 -1.66
CA GLY A 206 -15.46 -8.27 -0.77
C GLY A 206 -15.07 -8.05 0.68
N GLU A 207 -16.08 -7.83 1.49
CA GLU A 207 -15.89 -7.67 2.95
C GLU A 207 -15.30 -8.86 3.74
N ARG A 208 -15.67 -10.08 3.37
CA ARG A 208 -15.18 -11.26 4.03
C ARG A 208 -13.68 -11.38 3.98
N ALA A 209 -13.14 -11.03 2.84
CA ALA A 209 -11.74 -11.05 2.62
C ALA A 209 -11.05 -10.07 3.53
N VAL A 210 -11.64 -8.91 3.72
CA VAL A 210 -11.09 -7.94 4.61
C VAL A 210 -11.19 -8.38 6.06
N LYS A 211 -12.35 -8.89 6.47
CA LYS A 211 -12.46 -9.39 7.82
C LYS A 211 -11.47 -10.51 8.13
N ALA A 212 -11.35 -11.46 7.19
CA ALA A 212 -10.44 -12.56 7.39
C ALA A 212 -9.06 -11.98 7.57
N TRP A 213 -8.67 -11.05 6.68
CA TRP A 213 -7.32 -10.42 6.85
C TRP A 213 -7.14 -9.71 8.23
N SER A 214 -8.18 -9.01 8.62
CA SER A 214 -8.12 -8.27 9.83
C SER A 214 -8.12 -9.18 11.04
N VAL A 215 -8.88 -10.26 11.03
CA VAL A 215 -8.87 -11.17 12.17
C VAL A 215 -7.46 -11.75 12.37
N ALA A 216 -6.87 -12.18 11.29
CA ALA A 216 -5.49 -12.71 11.34
C ALA A 216 -4.55 -11.71 11.94
N ARG A 217 -4.56 -10.49 11.42
CA ARG A 217 -3.56 -9.53 11.84
C ARG A 217 -3.84 -9.01 13.23
N LEU A 218 -5.09 -8.67 13.53
CA LEU A 218 -5.42 -8.25 14.89
C LEU A 218 -5.16 -9.32 15.94
N SER A 219 -5.25 -10.59 15.57
CA SER A 219 -5.05 -11.67 16.57
C SER A 219 -3.58 -11.79 16.89
N GLN A 220 -2.75 -11.70 15.84
CA GLN A 220 -1.29 -11.57 16.00
C GLN A 220 -0.89 -10.42 16.92
N LYS A 221 -1.50 -9.27 16.71
CA LYS A 221 -1.18 -8.05 17.41
C LYS A 221 -1.66 -8.13 18.87
N PHE A 222 -2.83 -8.76 19.12
CA PHE A 222 -3.47 -8.72 20.42
C PHE A 222 -3.76 -10.12 20.85
N PRO A 223 -2.70 -10.95 20.99
CA PRO A 223 -2.93 -12.35 21.28
C PRO A 223 -3.57 -12.68 22.67
N LYS A 224 -3.65 -11.69 23.58
CA LYS A 224 -4.25 -11.92 24.90
C LYS A 224 -5.70 -11.60 24.92
N ALA A 225 -6.12 -10.81 23.96
CA ALA A 225 -7.52 -10.53 23.78
C ALA A 225 -8.30 -11.77 23.45
N ASP A 226 -9.46 -11.93 24.03
CA ASP A 226 -10.24 -13.02 23.55
C ASP A 226 -11.13 -12.60 22.36
N PHE A 227 -11.78 -13.57 21.78
CA PHE A 227 -12.35 -13.50 20.48
C PHE A 227 -13.49 -12.45 20.40
N ALA A 228 -14.20 -12.26 21.50
CA ALA A 228 -15.17 -11.15 21.59
C ALA A 228 -14.48 -9.84 21.20
N GLU A 229 -13.36 -9.53 21.83
CA GLU A 229 -12.71 -8.26 21.65
C GLU A 229 -12.20 -8.11 20.21
N VAL A 230 -11.46 -9.10 19.74
CA VAL A 230 -10.96 -9.12 18.37
C VAL A 230 -12.12 -8.95 17.36
N SER A 231 -13.14 -9.77 17.52
CA SER A 231 -14.30 -9.78 16.63
C SER A 231 -14.99 -8.43 16.41
N LYS A 232 -15.22 -7.77 17.53
CA LYS A 232 -15.79 -6.50 17.61
C LYS A 232 -14.87 -5.51 16.96
N ILE A 233 -13.60 -5.55 17.32
CA ILE A 233 -12.67 -4.58 16.75
C ILE A 233 -12.67 -4.71 15.24
N VAL A 234 -12.70 -5.97 14.77
CA VAL A 234 -12.63 -6.29 13.38
C VAL A 234 -13.83 -5.77 12.65
N THR A 235 -14.99 -6.04 13.24
CA THR A 235 -16.27 -5.52 12.74
C THR A 235 -16.29 -4.00 12.60
N ASP A 236 -15.81 -3.29 13.62
CA ASP A 236 -15.76 -1.84 13.54
C ASP A 236 -14.61 -1.32 12.62
N LEU A 237 -13.45 -1.90 12.70
CA LEU A 237 -12.37 -1.43 11.80
C LEU A 237 -12.72 -1.71 10.35
N THR A 238 -13.37 -2.84 10.06
CA THR A 238 -13.78 -3.13 8.67
C THR A 238 -14.77 -2.11 8.18
N LYS A 239 -15.70 -1.75 9.02
CA LYS A 239 -16.69 -0.69 8.69
C LYS A 239 -16.02 0.71 8.48
N VAL A 240 -15.06 1.03 9.34
CA VAL A 240 -14.23 2.22 9.19
C VAL A 240 -13.57 2.27 7.80
N HIS A 241 -12.75 1.28 7.49
CA HIS A 241 -12.06 1.26 6.20
C HIS A 241 -13.08 1.14 5.04
N LYS A 242 -14.20 0.46 5.24
CA LYS A 242 -15.16 0.40 4.13
C LYS A 242 -15.61 1.82 3.73
N GLU A 243 -15.95 2.59 4.75
CA GLU A 243 -16.36 3.99 4.59
C GLU A 243 -15.28 4.86 4.01
N CYS A 244 -14.02 4.68 4.39
CA CYS A 244 -12.98 5.46 3.81
C CYS A 244 -12.75 5.06 2.36
N CYS A 245 -12.62 3.76 2.10
CA CYS A 245 -12.47 3.32 0.71
C CYS A 245 -13.53 3.83 -0.22
N HIS A 246 -14.74 4.04 0.31
CA HIS A 246 -15.93 4.44 -0.45
CA HIS A 246 -15.84 4.47 -0.53
C HIS A 246 -16.06 5.99 -0.52
N GLY A 247 -15.04 6.69 0.01
CA GLY A 247 -14.94 8.13 0.02
C GLY A 247 -15.76 8.86 1.07
N ASP A 248 -16.38 8.13 2.01
CA ASP A 248 -17.09 8.73 3.11
C ASP A 248 -16.11 9.15 4.24
N LEU A 249 -15.23 10.11 3.98
CA LEU A 249 -14.11 10.45 4.91
C LEU A 249 -14.54 10.90 6.30
N LEU A 250 -15.51 11.83 6.33
CA LEU A 250 -16.03 12.40 7.61
C LEU A 250 -16.64 11.35 8.48
N GLU A 251 -17.46 10.47 7.91
CA GLU A 251 -18.10 9.41 8.67
C GLU A 251 -17.02 8.44 9.10
N CYS A 252 -16.07 8.18 8.19
CA CYS A 252 -14.91 7.33 8.46
C CYS A 252 -14.14 7.79 9.67
N ALA A 253 -13.93 9.10 9.79
CA ALA A 253 -13.13 9.66 10.91
C ALA A 253 -13.89 9.62 12.20
N ASP A 254 -15.20 9.91 12.18
CA ASP A 254 -16.02 9.73 13.44
C ASP A 254 -15.88 8.29 13.94
N ASP A 255 -16.06 7.30 13.05
CA ASP A 255 -16.11 5.90 13.44
C ASP A 255 -14.71 5.42 13.88
N ARG A 256 -13.69 5.97 13.25
CA ARG A 256 -12.36 5.71 13.69
C ARG A 256 -12.19 6.27 15.14
N ALA A 257 -12.66 7.49 15.42
CA ALA A 257 -12.50 8.03 16.77
C ALA A 257 -13.22 7.16 17.81
N ASP A 258 -14.42 6.71 17.47
CA ASP A 258 -15.17 5.90 18.39
C ASP A 258 -14.40 4.69 18.75
N LEU A 259 -13.80 4.08 17.74
CA LEU A 259 -13.08 2.80 17.90
C LEU A 259 -11.81 2.89 18.75
N ALA A 260 -11.00 3.91 18.47
CA ALA A 260 -9.82 4.16 19.34
C ALA A 260 -10.27 4.41 20.81
N LYS A 261 -11.37 5.10 20.99
CA LYS A 261 -11.92 5.29 22.32
C LYS A 261 -12.31 3.94 22.98
N TYR A 262 -13.05 3.10 22.28
CA TYR A 262 -13.33 1.77 22.77
C TYR A 262 -12.04 1.02 23.13
N ILE A 263 -11.10 0.97 22.20
CA ILE A 263 -9.92 0.17 22.40
C ILE A 263 -9.21 0.63 23.66
N CYS A 264 -9.15 1.92 23.94
CA CYS A 264 -8.41 2.43 25.09
C CYS A 264 -9.22 2.30 26.38
N GLU A 265 -10.54 2.42 26.34
CA GLU A 265 -11.34 2.00 27.51
C GLU A 265 -11.14 0.50 27.85
N HIS A 266 -10.93 -0.39 26.85
CA HIS A 266 -10.68 -1.83 27.12
C HIS A 266 -9.23 -2.28 26.99
N GLN A 267 -8.34 -1.33 27.19
CA GLN A 267 -6.90 -1.58 27.12
C GLN A 267 -6.40 -2.90 27.76
N ASP A 268 -6.78 -3.12 29.02
CA ASP A 268 -6.34 -4.33 29.80
C ASP A 268 -6.88 -5.65 29.31
N SER A 269 -8.00 -5.60 28.62
CA SER A 269 -8.59 -6.77 28.05
C SER A 269 -8.21 -6.93 26.54
N ILE A 270 -7.22 -6.16 26.06
CA ILE A 270 -6.79 -6.19 24.64
C ILE A 270 -5.26 -6.35 24.51
N SER A 271 -4.50 -5.39 25.02
CA SER A 271 -3.04 -5.52 25.05
C SER A 271 -2.34 -4.51 26.00
N GLY A 272 -1.40 -5.04 26.78
CA GLY A 272 -0.43 -4.20 27.48
C GLY A 272 0.33 -3.16 26.65
N LYS A 273 0.50 -3.39 25.37
CA LYS A 273 1.28 -2.49 24.56
C LYS A 273 0.55 -1.20 24.22
N LEU A 274 -0.76 -1.14 24.42
CA LEU A 274 -1.55 0.04 24.05
C LEU A 274 -1.50 1.14 25.08
N LYS A 275 -0.96 0.84 26.24
CA LYS A 275 -0.66 1.86 27.24
C LYS A 275 -0.14 3.14 26.65
N ALA A 276 1.03 3.05 26.01
CA ALA A 276 1.66 4.23 25.42
C ALA A 276 0.74 4.95 24.43
N CYS A 277 0.00 4.21 23.61
CA CYS A 277 -0.88 4.77 22.58
C CYS A 277 -2.02 5.51 23.11
N CYS A 278 -2.52 5.08 24.26
CA CYS A 278 -3.76 5.60 24.82
C CYS A 278 -3.64 6.88 25.62
N ASP A 279 -2.42 7.17 26.12
CA ASP A 279 -2.10 8.43 26.86
C ASP A 279 -1.51 9.43 25.88
N LYS A 280 -2.32 9.70 24.86
CA LYS A 280 -1.94 10.51 23.64
C LYS A 280 -3.20 11.15 23.06
N PRO A 281 -3.04 12.17 22.19
CA PRO A 281 -4.24 12.81 21.61
C PRO A 281 -4.74 12.11 20.35
N LEU A 282 -5.95 12.48 19.95
CA LEU A 282 -6.75 11.69 18.99
C LEU A 282 -6.00 11.01 17.84
N LEU A 283 -5.45 11.84 16.97
CA LEU A 283 -4.76 11.40 15.77
C LEU A 283 -3.46 10.62 16.12
N GLN A 284 -2.67 11.11 17.06
CA GLN A 284 -1.48 10.34 17.42
C GLN A 284 -1.85 9.03 18.02
N LYS A 285 -2.96 9.01 18.75
CA LYS A 285 -3.45 7.82 19.41
C LYS A 285 -3.87 6.76 18.45
N SER A 286 -4.76 7.15 17.54
CA SER A 286 -5.22 6.30 16.45
C SER A 286 -4.09 5.73 15.66
N HIS A 287 -3.10 6.57 15.41
CA HIS A 287 -1.97 6.17 14.62
C HIS A 287 -1.15 5.11 15.33
N CYS A 288 -0.98 5.31 16.62
CA CYS A 288 -0.12 4.45 17.42
C CYS A 288 -0.80 3.10 17.50
N ILE A 289 -2.11 3.10 17.72
CA ILE A 289 -2.86 1.80 17.83
C ILE A 289 -2.74 1.03 16.52
N ALA A 290 -2.75 1.76 15.41
CA ALA A 290 -2.79 1.14 14.10
C ALA A 290 -1.45 0.53 13.74
N GLU A 291 -0.39 1.07 14.29
CA GLU A 291 0.98 0.54 14.12
C GLU A 291 1.51 -0.15 15.35
N VAL A 292 0.68 -0.45 16.33
CA VAL A 292 1.16 -1.01 17.61
C VAL A 292 1.90 -2.33 17.49
N LYS A 293 3.05 -2.40 18.13
CA LYS A 293 3.79 -3.66 18.26
C LYS A 293 2.91 -4.83 18.77
N GLU A 294 3.37 -6.01 18.44
CA GLU A 294 2.68 -7.19 18.88
C GLU A 294 2.92 -7.50 20.37
N ASP A 295 1.84 -7.78 21.10
CA ASP A 295 1.95 -8.08 22.53
C ASP A 295 2.69 -9.42 22.74
N ASP A 296 3.14 -9.71 23.97
CA ASP A 296 3.67 -11.05 24.29
C ASP A 296 2.59 -12.11 24.27
N LEU A 297 2.97 -13.35 23.91
CA LEU A 297 2.04 -14.48 23.98
C LEU A 297 1.68 -14.87 25.42
N PRO A 298 0.40 -15.19 25.66
CA PRO A 298 0.02 -15.65 26.99
C PRO A 298 0.42 -17.10 27.27
N SER A 299 0.66 -17.39 28.54
CA SER A 299 0.93 -18.77 28.97
C SER A 299 -0.26 -19.78 28.82
N ASP A 300 -1.49 -19.30 28.63
CA ASP A 300 -2.71 -20.14 28.55
C ASP A 300 -3.32 -20.41 27.16
N LEU A 301 -2.52 -20.28 26.10
CA LEU A 301 -3.03 -20.62 24.76
C LEU A 301 -3.45 -22.06 24.77
N PRO A 302 -4.65 -22.34 24.24
CA PRO A 302 -5.14 -23.74 24.13
C PRO A 302 -4.43 -24.59 23.08
N ALA A 303 -4.26 -25.88 23.35
CA ALA A 303 -3.92 -26.84 22.30
C ALA A 303 -4.98 -26.72 21.25
N LEU A 304 -4.64 -26.74 19.98
CA LEU A 304 -5.72 -26.53 19.00
C LEU A 304 -6.29 -27.82 18.43
N ALA A 305 -5.46 -28.86 18.44
CA ALA A 305 -5.76 -30.05 17.72
C ALA A 305 -6.90 -30.73 18.38
N ALA A 306 -6.91 -30.65 19.72
CA ALA A 306 -7.97 -31.22 20.54
C ALA A 306 -9.36 -30.77 20.03
N ASP A 307 -9.52 -29.50 19.72
CA ASP A 307 -10.78 -28.97 19.15
C ASP A 307 -10.99 -28.99 17.61
N PHE A 308 -9.93 -28.67 16.85
CA PHE A 308 -10.03 -28.52 15.41
C PHE A 308 -9.65 -29.74 14.55
N ALA A 309 -9.04 -30.75 15.15
CA ALA A 309 -8.79 -32.05 14.49
C ALA A 309 -9.46 -33.25 15.18
N GLU A 310 -9.50 -33.29 16.50
CA GLU A 310 -9.84 -34.56 17.19
C GLU A 310 -11.28 -34.66 17.57
N ASP A 311 -11.90 -33.52 17.85
CA ASP A 311 -13.28 -33.42 18.32
C ASP A 311 -14.27 -34.14 17.37
N LYS A 312 -15.13 -34.98 17.95
CA LYS A 312 -16.19 -35.65 17.20
C LYS A 312 -17.15 -34.64 16.53
N GLU A 313 -17.37 -33.51 17.21
CA GLU A 313 -18.46 -32.58 16.92
C GLU A 313 -18.09 -31.41 15.99
N ILE A 314 -17.17 -31.61 15.04
CA ILE A 314 -16.70 -30.48 14.19
C ILE A 314 -17.65 -30.10 13.05
N CYS A 315 -18.03 -31.08 12.24
CA CYS A 315 -19.02 -30.84 11.21
C CYS A 315 -20.28 -30.13 11.69
N LYS A 316 -20.72 -30.40 12.92
CA LYS A 316 -21.88 -29.69 13.48
C LYS A 316 -21.46 -28.28 13.82
N HIS A 317 -20.50 -28.14 14.72
CA HIS A 317 -19.98 -26.83 15.12
C HIS A 317 -19.67 -25.93 13.86
N TYR A 318 -19.39 -26.56 12.71
CA TYR A 318 -19.10 -25.87 11.44
C TYR A 318 -20.30 -25.55 10.52
N LYS A 319 -21.21 -26.49 10.29
CA LYS A 319 -22.39 -26.22 9.44
C LYS A 319 -23.33 -25.15 10.07
N ASP A 320 -23.40 -25.12 11.39
CA ASP A 320 -24.22 -24.16 12.09
C ASP A 320 -23.86 -22.68 11.90
N ALA A 321 -22.58 -22.40 11.78
CA ALA A 321 -22.08 -21.03 11.64
C ALA A 321 -20.62 -21.07 11.14
N LYS A 322 -20.44 -21.53 9.93
CA LYS A 322 -19.11 -21.73 9.42
C LYS A 322 -18.18 -20.53 9.54
N ASP A 323 -18.65 -19.32 9.32
CA ASP A 323 -17.75 -18.21 9.43
C ASP A 323 -17.38 -17.84 10.86
N VAL A 324 -18.24 -18.13 11.83
CA VAL A 324 -17.82 -17.91 13.25
C VAL A 324 -16.79 -18.98 13.68
N PHE A 325 -17.05 -20.21 13.31
CA PHE A 325 -16.19 -21.30 13.58
C PHE A 325 -14.81 -21.12 12.92
N LEU A 326 -14.79 -20.76 11.64
CA LEU A 326 -13.55 -20.55 10.92
C LEU A 326 -12.84 -19.37 11.51
N GLY A 327 -13.61 -18.31 11.78
CA GLY A 327 -13.07 -17.11 12.40
C GLY A 327 -12.29 -17.42 13.64
N THR A 328 -12.90 -18.29 14.44
CA THR A 328 -12.35 -18.81 15.68
C THR A 328 -11.07 -19.66 15.44
N PHE A 329 -11.12 -20.55 14.46
CA PHE A 329 -9.94 -21.21 14.04
C PHE A 329 -8.86 -20.17 13.63
N LEU A 330 -9.24 -19.24 12.79
CA LEU A 330 -8.28 -18.33 12.28
C LEU A 330 -7.64 -17.50 13.42
N TYR A 331 -8.47 -17.10 14.38
CA TYR A 331 -8.04 -16.32 15.57
C TYR A 331 -7.03 -17.11 16.44
N GLU A 332 -7.39 -18.37 16.76
CA GLU A 332 -6.49 -19.23 17.50
C GLU A 332 -5.15 -19.53 16.77
N TYR A 333 -5.19 -19.85 15.50
CA TYR A 333 -3.95 -20.14 14.83
C TYR A 333 -3.12 -18.87 14.74
N SER A 334 -3.77 -17.73 14.59
CA SER A 334 -3.04 -16.46 14.26
C SER A 334 -2.40 -15.87 15.51
N ARG A 335 -3.06 -15.99 16.64
CA ARG A 335 -2.55 -15.35 17.81
C ARG A 335 -1.29 -15.96 18.27
N ARG A 336 -1.18 -17.27 18.07
CA ARG A 336 0.07 -18.03 18.30
C ARG A 336 1.18 -18.03 17.19
N HIS A 337 0.99 -17.29 16.09
CA HIS A 337 1.91 -17.38 14.95
C HIS A 337 2.18 -15.94 14.44
N PRO A 338 2.73 -15.11 15.32
CA PRO A 338 3.18 -13.80 14.82
C PRO A 338 4.33 -13.95 13.85
N ASP A 339 4.90 -15.17 13.82
CA ASP A 339 6.03 -15.55 12.96
C ASP A 339 5.63 -15.92 11.52
N TYR A 340 4.32 -16.05 11.28
CA TYR A 340 3.71 -16.21 9.96
C TYR A 340 3.17 -14.86 9.37
N SER A 341 3.21 -14.74 8.04
CA SER A 341 2.62 -13.62 7.34
C SER A 341 1.09 -13.75 7.33
N VAL A 342 0.40 -12.64 7.12
CA VAL A 342 -1.04 -12.65 7.18
C VAL A 342 -1.54 -13.55 6.02
N SER A 343 -0.96 -13.38 4.84
CA SER A 343 -1.44 -14.16 3.75
C SER A 343 -1.18 -15.67 3.97
N LEU A 344 -0.11 -16.00 4.65
CA LEU A 344 0.12 -17.41 4.95
C LEU A 344 -1.00 -18.01 5.86
N LEU A 345 -1.28 -17.34 6.99
CA LEU A 345 -2.40 -17.64 7.83
C LEU A 345 -3.69 -17.79 7.05
N LEU A 346 -3.91 -17.02 6.02
CA LEU A 346 -5.14 -17.23 5.25
C LEU A 346 -5.09 -18.42 4.33
N ARG A 347 -3.95 -18.68 3.70
CA ARG A 347 -3.85 -19.93 2.95
C ARG A 347 -4.16 -21.08 3.90
N ILE A 348 -3.66 -20.97 5.13
CA ILE A 348 -3.82 -22.01 6.09
C ILE A 348 -5.28 -22.17 6.48
N ALA A 349 -6.01 -21.10 6.72
CA ALA A 349 -7.42 -21.17 6.94
C ALA A 349 -8.23 -21.65 5.70
N LYS A 350 -7.90 -21.19 4.44
CA LYS A 350 -8.68 -21.74 3.26
C LYS A 350 -8.48 -23.26 3.18
N THR A 351 -7.34 -23.75 3.65
CA THR A 351 -7.05 -25.15 3.59
C THR A 351 -7.81 -25.88 4.66
N TYR A 352 -7.95 -25.29 5.84
CA TYR A 352 -8.80 -25.85 6.87
C TYR A 352 -10.25 -25.93 6.38
N GLU A 353 -10.76 -24.85 5.82
CA GLU A 353 -12.14 -24.78 5.29
C GLU A 353 -12.37 -25.82 4.21
N ALA A 354 -11.53 -25.81 3.19
CA ALA A 354 -11.58 -26.78 2.11
C ALA A 354 -11.61 -28.18 2.66
N THR A 355 -10.76 -28.44 3.66
CA THR A 355 -10.65 -29.78 4.21
C THR A 355 -11.95 -30.23 4.92
N LEU A 356 -12.62 -29.32 5.63
CA LEU A 356 -13.91 -29.61 6.23
C LEU A 356 -15.06 -29.75 5.23
N GLU A 357 -15.11 -28.98 4.15
CA GLU A 357 -16.10 -29.20 3.05
C GLU A 357 -15.99 -30.64 2.49
N LYS A 358 -14.76 -31.07 2.25
CA LYS A 358 -14.50 -32.40 1.74
C LYS A 358 -14.95 -33.44 2.78
N CYS A 359 -14.41 -33.31 3.98
CA CYS A 359 -14.54 -34.37 5.02
C CYS A 359 -15.93 -34.48 5.68
N CYS A 360 -16.66 -33.38 5.78
CA CYS A 360 -17.99 -33.40 6.32
C CYS A 360 -19.08 -33.91 5.32
N ALA A 361 -18.72 -34.02 4.04
CA ALA A 361 -19.60 -34.62 3.05
C ALA A 361 -19.10 -36.04 2.69
N GLU A 362 -18.62 -36.77 3.69
CA GLU A 362 -17.99 -38.08 3.46
C GLU A 362 -18.47 -39.07 4.53
N ALA A 363 -18.44 -40.36 4.19
CA ALA A 363 -18.98 -41.41 5.06
C ALA A 363 -18.65 -41.18 6.55
N ASP A 364 -17.34 -41.21 6.88
CA ASP A 364 -16.79 -41.04 8.28
C ASP A 364 -15.83 -39.80 8.36
N PRO A 365 -16.39 -38.61 8.68
CA PRO A 365 -15.61 -37.37 8.66
C PRO A 365 -14.37 -37.30 9.56
N PRO A 366 -14.49 -37.62 10.86
CA PRO A 366 -13.32 -37.43 11.73
C PRO A 366 -12.06 -38.15 11.29
N ALA A 367 -12.20 -39.35 10.76
CA ALA A 367 -11.04 -40.06 10.22
C ALA A 367 -10.46 -39.36 8.98
N CYS A 368 -11.28 -38.57 8.30
CA CYS A 368 -10.81 -37.76 7.18
C CYS A 368 -10.06 -36.43 7.61
N TYR A 369 -10.54 -35.73 8.65
CA TYR A 369 -9.94 -34.46 9.04
C TYR A 369 -8.99 -34.58 10.21
N ALA A 370 -8.72 -35.81 10.66
CA ALA A 370 -7.84 -36.01 11.83
C ALA A 370 -6.43 -35.56 11.46
N THR A 371 -6.05 -35.60 10.18
CA THR A 371 -4.72 -35.11 9.75
C THR A 371 -4.66 -33.71 9.10
N VAL A 372 -5.65 -32.87 9.37
CA VAL A 372 -5.73 -31.62 8.69
C VAL A 372 -4.51 -30.72 8.97
N PHE A 373 -3.89 -30.79 10.16
CA PHE A 373 -2.86 -29.80 10.54
C PHE A 373 -1.58 -30.16 9.80
N ASP A 374 -1.52 -31.42 9.35
CA ASP A 374 -0.39 -31.91 8.57
C ASP A 374 -0.39 -31.40 7.17
N GLN A 375 -1.55 -31.01 6.67
CA GLN A 375 -1.63 -30.30 5.38
C GLN A 375 -1.07 -28.88 5.41
N PHE A 376 -0.71 -28.33 6.57
CA PHE A 376 -0.18 -26.95 6.67
C PHE A 376 1.32 -26.87 6.52
N THR A 377 2.00 -27.99 6.71
CA THR A 377 3.45 -27.99 6.82
C THR A 377 4.06 -27.50 5.51
N PRO A 378 3.56 -27.98 4.39
CA PRO A 378 4.09 -27.49 3.13
C PRO A 378 3.76 -26.03 2.79
N LEU A 379 2.64 -25.56 3.30
CA LEU A 379 2.31 -24.16 3.07
C LEU A 379 3.26 -23.27 3.85
N VAL A 380 3.70 -23.75 5.00
CA VAL A 380 4.60 -22.99 5.80
C VAL A 380 6.00 -23.00 5.17
N GLU A 381 6.45 -24.15 4.68
CA GLU A 381 7.88 -24.34 4.35
C GLU A 381 8.32 -23.54 3.11
N GLU A 382 7.40 -23.32 2.17
CA GLU A 382 7.65 -22.67 0.87
C GLU A 382 8.05 -21.21 0.99
N PRO A 383 7.28 -20.39 1.72
CA PRO A 383 7.66 -19.03 1.85
C PRO A 383 8.81 -18.85 2.76
N LYS A 384 8.91 -19.73 3.79
CA LYS A 384 10.09 -19.72 4.72
C LYS A 384 11.41 -19.88 3.94
N SER A 385 11.41 -20.82 3.02
CA SER A 385 12.61 -21.05 2.28
C SER A 385 12.85 -19.95 1.23
N LEU A 386 11.78 -19.40 0.70
CA LEU A 386 11.82 -18.32 -0.26
C LEU A 386 12.47 -17.11 0.35
N VAL A 387 12.10 -16.80 1.58
CA VAL A 387 12.65 -15.70 2.32
C VAL A 387 14.07 -15.90 2.74
N LYS A 388 14.43 -17.13 3.17
CA LYS A 388 15.84 -17.51 3.40
C LYS A 388 16.63 -17.24 2.19
N LYS A 389 16.15 -17.70 1.03
CA LYS A 389 16.92 -17.55 -0.22
C LYS A 389 17.11 -16.08 -0.69
N ASN A 390 16.07 -15.28 -0.58
CA ASN A 390 16.16 -13.92 -0.92
C ASN A 390 16.97 -13.21 0.08
N CYS A 391 16.90 -13.58 1.35
CA CYS A 391 17.75 -12.88 2.31
C CYS A 391 19.27 -13.22 2.25
N ASP A 392 19.58 -14.48 1.91
CA ASP A 392 20.96 -14.86 1.66
C ASP A 392 21.50 -14.04 0.48
N LEU A 393 20.69 -13.80 -0.55
CA LEU A 393 21.19 -13.22 -1.73
C LEU A 393 21.41 -11.77 -1.44
N PHE A 394 20.49 -11.18 -0.72
CA PHE A 394 20.58 -9.78 -0.36
C PHE A 394 21.80 -9.46 0.48
N GLU A 395 22.02 -10.24 1.54
CA GLU A 395 23.21 -10.12 2.46
C GLU A 395 24.57 -10.30 1.76
N GLU A 396 24.66 -11.20 0.80
CA GLU A 396 25.83 -11.42 -0.02
C GLU A 396 26.16 -10.24 -0.92
N VAL A 397 25.19 -9.77 -1.73
CA VAL A 397 25.44 -8.75 -2.79
C VAL A 397 24.93 -7.36 -2.57
N GLY A 398 23.95 -7.15 -1.74
CA GLY A 398 23.49 -5.78 -1.33
C GLY A 398 22.21 -5.27 -2.04
N GLU A 399 21.66 -4.13 -1.58
CA GLU A 399 20.44 -3.56 -2.19
C GLU A 399 20.53 -3.52 -3.70
N TYR A 400 21.48 -2.75 -4.24
CA TYR A 400 21.51 -2.49 -5.67
C TYR A 400 21.54 -3.76 -6.50
N ASP A 401 22.45 -4.69 -6.27
CA ASP A 401 22.43 -5.91 -7.07
C ASP A 401 21.25 -6.78 -6.80
N PHE A 402 20.67 -6.73 -5.58
CA PHE A 402 19.46 -7.48 -5.28
C PHE A 402 18.30 -6.92 -6.08
N GLN A 403 18.21 -5.59 -6.17
CA GLN A 403 17.17 -5.01 -6.98
C GLN A 403 17.31 -5.49 -8.37
N ASN A 404 18.55 -5.57 -8.86
CA ASN A 404 18.77 -5.94 -10.24
C ASN A 404 18.31 -7.31 -10.53
N ALA A 405 18.57 -8.19 -9.59
CA ALA A 405 18.14 -9.56 -9.72
C ALA A 405 16.61 -9.67 -9.82
N LEU A 406 15.91 -8.82 -9.07
CA LEU A 406 14.44 -8.79 -9.09
C LEU A 406 13.90 -8.12 -10.36
N ILE A 407 14.60 -7.08 -10.81
CA ILE A 407 14.31 -6.51 -12.08
C ILE A 407 14.40 -7.61 -13.16
N VAL A 408 15.46 -8.43 -13.16
CA VAL A 408 15.49 -9.51 -14.13
C VAL A 408 14.37 -10.51 -13.96
N ARG A 409 14.10 -10.91 -12.71
CA ARG A 409 13.03 -11.92 -12.39
C ARG A 409 11.68 -11.49 -12.95
N TYR A 410 11.34 -10.26 -12.61
CA TYR A 410 10.03 -9.78 -12.93
C TYR A 410 9.87 -9.37 -14.39
N THR A 411 10.89 -8.74 -14.98
CA THR A 411 10.94 -8.56 -16.42
C THR A 411 10.80 -9.86 -17.22
N LYS A 412 11.41 -10.97 -16.77
CA LYS A 412 11.20 -12.26 -17.45
C LYS A 412 9.79 -12.80 -17.25
N LYS A 413 9.20 -12.60 -16.09
CA LYS A 413 7.82 -13.03 -15.89
C LYS A 413 6.78 -12.22 -16.68
N ALA A 414 7.07 -10.95 -16.92
CA ALA A 414 6.13 -10.01 -17.46
C ALA A 414 6.79 -8.92 -18.35
N PRO A 415 7.49 -9.35 -19.40
CA PRO A 415 8.22 -8.41 -20.29
C PRO A 415 7.34 -7.43 -21.08
N GLN A 416 6.03 -7.60 -21.01
CA GLN A 416 5.03 -6.63 -21.59
C GLN A 416 4.77 -5.39 -20.73
N VAL A 417 5.17 -5.44 -19.45
CA VAL A 417 5.10 -4.30 -18.54
C VAL A 417 6.07 -3.22 -18.97
N SER A 418 5.73 -1.97 -18.74
CA SER A 418 6.55 -0.85 -19.18
C SER A 418 7.80 -0.82 -18.32
N THR A 419 8.93 -0.44 -18.92
CA THR A 419 10.21 -0.42 -18.21
C THR A 419 10.17 0.33 -16.88
N PRO A 420 9.54 1.53 -16.82
CA PRO A 420 9.58 2.29 -15.56
C PRO A 420 8.85 1.65 -14.42
N THR A 421 7.85 0.82 -14.74
CA THR A 421 7.12 0.12 -13.72
C THR A 421 7.89 -1.07 -13.22
N LEU A 422 8.46 -1.87 -14.11
CA LEU A 422 9.32 -2.95 -13.71
C LEU A 422 10.52 -2.46 -12.86
N VAL A 423 11.10 -1.32 -13.21
CA VAL A 423 12.16 -0.75 -12.38
C VAL A 423 11.65 -0.37 -10.99
N GLU A 424 10.47 0.22 -10.93
CA GLU A 424 9.91 0.63 -9.67
C GLU A 424 9.63 -0.56 -8.77
N ILE A 425 9.15 -1.64 -9.38
CA ILE A 425 8.79 -2.83 -8.62
C ILE A 425 10.04 -3.46 -7.99
N GLY A 426 10.98 -3.77 -8.87
CA GLY A 426 12.25 -4.34 -8.44
C GLY A 426 12.93 -3.45 -7.40
N ARG A 427 12.90 -2.14 -7.58
CA ARG A 427 13.55 -1.30 -6.61
C ARG A 427 12.80 -1.36 -5.26
N THR A 428 11.49 -1.28 -5.32
CA THR A 428 10.69 -1.37 -4.14
C THR A 428 10.90 -2.66 -3.39
N LEU A 429 10.92 -3.76 -4.14
CA LEU A 429 11.15 -5.08 -3.55
C LEU A 429 12.57 -5.27 -2.99
N GLY A 430 13.58 -4.72 -3.64
CA GLY A 430 14.83 -4.64 -2.97
C GLY A 430 14.83 -3.87 -1.68
N LYS A 431 14.04 -2.83 -1.61
CA LYS A 431 13.93 -2.04 -0.37
C LYS A 431 13.30 -2.92 0.73
N VAL A 432 12.34 -3.75 0.39
CA VAL A 432 11.77 -4.74 1.33
C VAL A 432 12.81 -5.65 1.83
N GLY A 433 13.66 -6.10 0.96
CA GLY A 433 14.90 -6.80 1.39
C GLY A 433 15.74 -6.11 2.47
N SER A 434 16.09 -4.84 2.26
CA SER A 434 16.72 -4.01 3.28
C SER A 434 15.90 -3.75 4.57
N ARG A 435 14.59 -3.83 4.52
CA ARG A 435 13.82 -3.69 5.75
C ARG A 435 13.85 -5.06 6.48
N CYS A 436 13.57 -6.13 5.77
CA CYS A 436 13.16 -7.36 6.41
C CYS A 436 14.30 -8.28 6.75
N CYS A 437 15.34 -8.34 5.92
CA CYS A 437 16.37 -9.37 6.10
C CYS A 437 17.24 -9.19 7.26
N LYS A 438 17.32 -7.98 7.78
CA LYS A 438 18.11 -7.75 8.98
C LYS A 438 17.34 -8.08 10.27
N LEU A 439 16.05 -8.38 10.19
CA LEU A 439 15.32 -8.62 11.41
C LEU A 439 15.72 -9.96 12.01
N PRO A 440 15.38 -10.14 13.30
CA PRO A 440 15.47 -11.44 13.89
C PRO A 440 14.76 -12.45 12.98
N GLU A 441 15.30 -13.66 12.83
CA GLU A 441 14.83 -14.62 11.81
C GLU A 441 13.30 -14.90 11.82
N SER A 442 12.70 -14.97 13.00
CA SER A 442 11.28 -15.28 13.06
C SER A 442 10.43 -14.14 12.55
N GLU A 443 10.96 -12.92 12.53
CA GLU A 443 10.26 -11.72 12.02
C GLU A 443 10.41 -11.46 10.54
N ARG A 444 11.28 -12.21 9.87
CA ARG A 444 11.56 -11.96 8.47
C ARG A 444 10.41 -12.41 7.53
N LEU A 445 9.84 -13.60 7.77
CA LEU A 445 8.70 -14.06 6.97
C LEU A 445 7.60 -13.04 6.99
N PRO A 446 7.16 -12.61 8.18
CA PRO A 446 6.03 -11.68 8.11
C PRO A 446 6.44 -10.32 7.51
N CYS A 447 7.57 -9.81 7.83
CA CYS A 447 7.95 -8.55 7.25
C CYS A 447 8.01 -8.65 5.70
N SER A 448 8.62 -9.70 5.23
CA SER A 448 8.78 -9.88 3.78
C SER A 448 7.48 -10.11 3.06
N GLU A 449 6.62 -11.02 3.51
CA GLU A 449 5.37 -11.31 2.73
C GLU A 449 4.32 -10.18 2.83
N ASN A 450 4.17 -9.63 4.04
CA ASN A 450 3.25 -8.55 4.22
C ASN A 450 3.66 -7.36 3.36
N HIS A 451 4.95 -7.09 3.18
CA HIS A 451 5.37 -5.98 2.32
C HIS A 451 5.23 -6.32 0.82
N LEU A 452 5.67 -7.51 0.44
CA LEU A 452 5.34 -8.07 -0.87
C LEU A 452 3.90 -7.88 -1.25
N ALA A 453 2.99 -8.23 -0.33
CA ALA A 453 1.53 -8.16 -0.64
C ALA A 453 1.22 -6.78 -1.16
N LEU A 454 1.83 -5.78 -0.52
CA LEU A 454 1.58 -4.37 -0.85
C LEU A 454 2.15 -3.98 -2.23
N ALA A 455 3.38 -4.38 -2.48
CA ALA A 455 4.00 -4.11 -3.76
C ALA A 455 3.28 -4.83 -4.90
N LEU A 456 2.87 -6.07 -4.67
CA LEU A 456 2.16 -6.81 -5.68
C LEU A 456 0.81 -6.16 -5.93
N ASN A 457 0.22 -5.63 -4.87
CA ASN A 457 -1.06 -4.95 -5.08
C ASN A 457 -0.84 -3.67 -5.83
N ARG A 458 0.23 -2.98 -5.58
CA ARG A 458 0.49 -1.80 -6.36
C ARG A 458 0.51 -2.21 -7.87
N LEU A 459 1.25 -3.29 -8.21
CA LEU A 459 1.42 -3.71 -9.60
C LEU A 459 0.07 -4.07 -10.25
N CYS A 460 -0.76 -4.76 -9.47
CA CYS A 460 -2.12 -5.11 -9.89
C CYS A 460 -2.98 -3.91 -10.16
N VAL A 461 -2.91 -2.94 -9.30
CA VAL A 461 -3.67 -1.71 -9.49
C VAL A 461 -3.25 -0.94 -10.76
N LEU A 462 -1.94 -0.84 -10.96
CA LEU A 462 -1.45 -0.29 -12.19
C LEU A 462 -1.97 -1.11 -13.37
N HIS A 463 -1.98 -2.45 -13.25
CA HIS A 463 -2.45 -3.29 -14.30
C HIS A 463 -3.93 -3.07 -14.59
N GLU A 464 -4.75 -2.83 -13.55
CA GLU A 464 -6.16 -2.46 -13.72
C GLU A 464 -6.35 -1.35 -14.72
N LYS A 465 -5.45 -0.36 -14.75
CA LYS A 465 -5.68 0.73 -15.66
C LYS A 465 -4.98 0.55 -16.97
N THR A 466 -3.89 -0.20 -16.99
CA THR A 466 -3.10 -0.37 -18.21
C THR A 466 -2.79 -1.84 -18.31
N PRO A 467 -3.74 -2.63 -18.77
CA PRO A 467 -3.45 -4.05 -18.86
C PRO A 467 -2.65 -4.53 -20.10
N VAL A 468 -1.72 -5.47 -19.85
CA VAL A 468 -0.61 -5.89 -20.73
C VAL A 468 -0.26 -7.38 -20.73
N SER A 469 -0.86 -8.18 -19.84
CA SER A 469 -0.44 -9.55 -19.67
C SER A 469 -1.56 -10.36 -19.01
N GLU A 470 -1.96 -11.45 -19.63
CA GLU A 470 -3.03 -12.29 -19.07
C GLU A 470 -2.55 -12.91 -17.73
N LYS A 471 -1.26 -13.29 -17.72
CA LYS A 471 -0.56 -13.79 -16.53
C LYS A 471 -0.74 -12.83 -15.35
N ILE A 472 -0.41 -11.55 -15.55
CA ILE A 472 -0.63 -10.59 -14.48
C ILE A 472 -2.10 -10.54 -14.00
N THR A 473 -3.05 -10.49 -14.94
CA THR A 473 -4.48 -10.51 -14.61
C THR A 473 -4.88 -11.76 -13.82
N LYS A 474 -4.36 -12.90 -14.24
CA LYS A 474 -4.64 -14.18 -13.61
C LYS A 474 -4.24 -14.15 -12.16
N CYS A 475 -3.01 -13.71 -11.87
CA CYS A 475 -2.52 -13.58 -10.48
C CYS A 475 -3.23 -12.50 -9.68
N CYS A 476 -3.47 -11.34 -10.29
CA CYS A 476 -4.10 -10.25 -9.57
C CYS A 476 -5.52 -10.56 -9.10
N THR A 477 -6.23 -11.45 -9.81
CA THR A 477 -7.68 -11.64 -9.59
C THR A 477 -8.16 -12.95 -9.09
N ASP A 478 -7.26 -13.93 -9.08
CA ASP A 478 -7.66 -15.22 -8.61
C ASP A 478 -8.02 -15.13 -7.12
N SER A 479 -7.16 -14.56 -6.28
CA SER A 479 -7.40 -14.68 -4.84
C SER A 479 -6.37 -13.97 -4.04
N LEU A 480 -6.75 -13.25 -3.03
CA LEU A 480 -5.79 -12.49 -2.25
C LEU A 480 -4.73 -13.34 -1.56
N ALA A 481 -5.15 -14.40 -0.92
CA ALA A 481 -4.18 -15.34 -0.35
C ALA A 481 -3.22 -15.97 -1.36
N GLU A 482 -3.66 -16.22 -2.58
CA GLU A 482 -2.80 -16.89 -3.53
C GLU A 482 -1.94 -15.95 -4.42
N ARG A 483 -2.05 -14.64 -4.25
CA ARG A 483 -1.28 -13.70 -5.06
C ARG A 483 0.20 -13.99 -5.11
N ARG A 484 0.83 -13.93 -3.94
CA ARG A 484 2.25 -14.01 -3.90
C ARG A 484 2.71 -15.36 -4.47
N PRO A 485 2.11 -16.46 -4.07
CA PRO A 485 2.65 -17.70 -4.65
C PRO A 485 2.43 -17.82 -6.16
N CYS A 486 1.37 -17.19 -6.66
CA CYS A 486 1.05 -17.18 -8.07
C CYS A 486 2.09 -16.34 -8.81
N PHE A 487 2.42 -15.12 -8.33
CA PHE A 487 3.48 -14.36 -9.00
C PHE A 487 4.74 -15.17 -8.96
N SER A 488 5.02 -15.79 -7.81
CA SER A 488 6.26 -16.51 -7.64
C SER A 488 6.48 -17.61 -8.66
N ALA A 489 5.42 -18.17 -9.18
CA ALA A 489 5.47 -19.36 -10.02
C ALA A 489 5.49 -19.03 -11.49
N LEU A 490 5.21 -17.78 -11.84
CA LEU A 490 5.40 -17.34 -13.20
C LEU A 490 6.86 -17.60 -13.57
N GLU A 491 7.09 -18.24 -14.71
CA GLU A 491 8.44 -18.39 -15.28
C GLU A 491 8.46 -17.56 -16.54
N LEU A 492 9.59 -17.49 -17.21
CA LEU A 492 9.68 -16.69 -18.43
C LEU A 492 8.46 -16.87 -19.38
N ASP A 493 7.82 -15.75 -19.73
CA ASP A 493 6.71 -15.76 -20.66
C ASP A 493 7.28 -16.18 -22.01
N GLU A 494 7.01 -17.43 -22.42
CA GLU A 494 7.52 -17.96 -23.74
C GLU A 494 6.78 -17.39 -24.98
N GLY A 495 5.56 -16.86 -24.76
CA GLY A 495 4.74 -16.21 -25.81
C GLY A 495 5.40 -14.97 -26.41
N TYR A 496 6.00 -14.18 -25.52
CA TYR A 496 6.74 -12.93 -25.87
C TYR A 496 7.73 -13.09 -27.03
N VAL A 497 7.70 -12.11 -27.91
CA VAL A 497 8.60 -12.00 -29.02
C VAL A 497 9.52 -10.95 -28.54
N PRO A 498 10.82 -11.22 -28.59
CA PRO A 498 11.76 -10.24 -28.16
C PRO A 498 11.55 -8.91 -28.86
N LYS A 499 11.59 -7.88 -28.02
CA LYS A 499 11.55 -6.49 -28.43
C LYS A 499 12.66 -6.13 -29.42
N GLU A 500 12.29 -5.36 -30.44
CA GLU A 500 13.20 -5.02 -31.51
C GLU A 500 14.35 -4.21 -30.96
N PHE A 501 15.55 -4.55 -31.39
CA PHE A 501 16.75 -3.88 -30.94
C PHE A 501 16.77 -2.39 -31.36
N LYS A 502 16.93 -1.49 -30.41
CA LYS A 502 17.06 -0.07 -30.70
C LYS A 502 18.33 0.36 -29.96
N ALA A 503 19.42 0.56 -30.72
CA ALA A 503 20.74 0.89 -30.15
C ALA A 503 20.72 2.09 -29.16
N GLU A 504 19.88 3.08 -29.46
CA GLU A 504 19.80 4.29 -28.68
C GLU A 504 19.30 4.05 -27.26
N THR A 505 18.42 3.06 -27.08
CA THR A 505 18.00 2.61 -25.74
C THR A 505 19.16 2.34 -24.80
N PHE A 506 20.21 1.71 -25.32
CA PHE A 506 21.35 1.31 -24.52
C PHE A 506 22.52 2.25 -24.63
N THR A 507 22.31 3.40 -25.24
CA THR A 507 23.39 4.33 -25.52
C THR A 507 23.34 5.42 -24.48
N PHE A 508 24.44 5.60 -23.75
CA PHE A 508 24.56 6.63 -22.70
C PHE A 508 25.30 7.90 -23.16
N HIS A 509 25.10 8.99 -22.41
CA HIS A 509 25.66 10.30 -22.71
C HIS A 509 26.10 11.00 -21.44
N ALA A 510 26.83 12.07 -21.62
CA ALA A 510 27.39 12.81 -20.49
C ALA A 510 26.34 13.35 -19.45
N ASP A 511 25.12 13.63 -19.92
CA ASP A 511 24.01 14.15 -19.04
C ASP A 511 23.81 13.30 -17.74
N ILE A 512 23.97 11.97 -17.88
CA ILE A 512 23.93 11.03 -16.77
C ILE A 512 24.92 11.36 -15.62
N CYS A 513 26.04 11.98 -15.97
CA CYS A 513 27.09 12.25 -15.02
C CYS A 513 26.68 13.22 -13.91
N THR A 514 25.78 14.13 -14.21
CA THR A 514 25.28 15.05 -13.21
C THR A 514 24.47 14.30 -12.13
N LEU A 515 23.57 13.43 -12.60
CA LEU A 515 22.54 12.83 -11.75
C LEU A 515 23.12 12.34 -10.40
N PRO A 516 22.35 12.49 -9.30
CA PRO A 516 22.74 11.88 -8.02
C PRO A 516 22.66 10.35 -8.12
N GLU A 517 23.31 9.64 -7.18
CA GLU A 517 23.64 8.20 -7.36
C GLU A 517 22.37 7.44 -7.74
N ASP A 518 21.29 7.66 -7.00
CA ASP A 518 20.11 6.84 -7.18
C ASP A 518 19.33 7.07 -8.49
N GLU A 519 19.60 8.15 -9.18
CA GLU A 519 19.00 8.38 -10.50
C GLU A 519 19.91 7.85 -11.60
N LYS A 520 21.23 7.82 -11.36
CA LYS A 520 22.10 7.04 -12.25
C LYS A 520 21.69 5.56 -12.22
N GLN A 521 21.46 5.07 -11.00
CA GLN A 521 21.03 3.72 -10.75
C GLN A 521 19.77 3.39 -11.53
N ILE A 522 18.77 4.25 -11.41
CA ILE A 522 17.52 4.04 -12.15
C ILE A 522 17.81 3.91 -13.65
N LYS A 523 18.62 4.80 -14.21
CA LYS A 523 18.94 4.74 -15.67
C LYS A 523 19.59 3.42 -16.12
N LYS A 524 20.60 2.99 -15.39
CA LYS A 524 21.21 1.67 -15.61
C LYS A 524 20.24 0.49 -15.45
N GLN A 525 19.41 0.56 -14.40
CA GLN A 525 18.42 -0.48 -14.18
C GLN A 525 17.32 -0.51 -15.26
N SER A 526 16.99 0.67 -15.81
CA SER A 526 16.11 0.75 -17.01
C SER A 526 16.74 0.00 -18.19
N ALA A 527 18.03 0.22 -18.37
CA ALA A 527 18.78 -0.42 -19.43
C ALA A 527 18.83 -1.90 -19.19
N LEU A 528 19.12 -2.30 -17.96
CA LEU A 528 18.94 -3.72 -17.53
C LEU A 528 17.55 -4.36 -17.97
N ALA A 529 16.44 -3.70 -17.63
CA ALA A 529 15.12 -4.21 -17.98
C ALA A 529 15.00 -4.33 -19.53
N GLU A 530 15.43 -3.28 -20.23
CA GLU A 530 15.49 -3.30 -21.68
C GLU A 530 16.43 -4.36 -22.23
N LEU A 531 17.60 -4.54 -21.64
CA LEU A 531 18.39 -5.73 -21.97
C LEU A 531 17.58 -7.06 -21.89
N VAL A 532 16.89 -7.33 -20.78
CA VAL A 532 16.04 -8.55 -20.74
C VAL A 532 14.92 -8.51 -21.87
N LYS A 533 14.20 -7.41 -21.97
CA LYS A 533 13.20 -7.38 -23.00
C LYS A 533 13.72 -7.91 -24.37
N HIS A 534 14.91 -7.49 -24.79
CA HIS A 534 15.43 -7.91 -26.09
C HIS A 534 16.07 -9.31 -26.11
N LYS A 535 16.54 -9.81 -24.97
CA LYS A 535 17.20 -11.13 -24.87
C LYS A 535 16.63 -11.86 -23.64
N PRO A 536 15.40 -12.34 -23.72
CA PRO A 536 14.75 -12.84 -22.53
C PRO A 536 15.24 -14.16 -21.98
N LYS A 537 16.05 -14.89 -22.74
CA LYS A 537 16.57 -16.19 -22.25
C LYS A 537 17.93 -16.01 -21.62
N ALA A 538 18.54 -14.82 -21.77
CA ALA A 538 19.82 -14.54 -21.11
C ALA A 538 19.69 -14.87 -19.61
N THR A 539 20.66 -15.58 -19.05
CA THR A 539 20.67 -15.85 -17.62
C THR A 539 20.98 -14.62 -16.78
N LYS A 540 20.64 -14.73 -15.52
CA LYS A 540 20.77 -13.64 -14.56
C LYS A 540 22.20 -13.10 -14.55
N GLU A 541 23.16 -14.00 -14.77
CA GLU A 541 24.57 -13.73 -14.60
C GLU A 541 25.25 -13.19 -15.87
N GLN A 542 24.76 -13.57 -17.04
CA GLN A 542 25.15 -12.86 -18.28
C GLN A 542 24.74 -11.40 -18.19
N LEU A 543 23.53 -11.15 -17.67
CA LEU A 543 23.04 -9.79 -17.56
C LEU A 543 23.86 -9.05 -16.54
N LYS A 544 24.27 -9.74 -15.50
CA LYS A 544 25.09 -9.09 -14.47
C LYS A 544 26.45 -8.64 -14.95
N THR A 545 27.08 -9.53 -15.69
CA THR A 545 28.34 -9.23 -16.31
C THR A 545 28.20 -8.09 -17.26
N VAL A 546 27.25 -8.18 -18.21
CA VAL A 546 27.02 -7.05 -19.16
C VAL A 546 26.74 -5.74 -18.42
N LEU A 547 25.87 -5.77 -17.42
CA LEU A 547 25.63 -4.57 -16.61
C LEU A 547 26.90 -4.06 -15.87
N GLY A 548 27.75 -5.00 -15.44
CA GLY A 548 29.04 -4.67 -14.89
C GLY A 548 29.87 -3.88 -15.89
N ASN A 549 29.84 -4.31 -17.16
CA ASN A 549 30.63 -3.64 -18.16
C ASN A 549 30.07 -2.28 -18.46
N PHE A 550 28.74 -2.14 -18.50
CA PHE A 550 28.08 -0.81 -18.61
C PHE A 550 28.46 0.13 -17.49
N SER A 551 28.49 -0.35 -16.24
CA SER A 551 28.75 0.56 -15.13
C SER A 551 30.14 1.12 -15.16
N ALA A 552 31.11 0.23 -15.47
CA ALA A 552 32.52 0.54 -15.69
C ALA A 552 32.72 1.65 -16.65
N PHE A 553 32.03 1.55 -17.76
CA PHE A 553 32.09 2.47 -18.85
C PHE A 553 31.48 3.85 -18.51
N VAL A 554 30.38 3.86 -17.78
CA VAL A 554 29.76 5.10 -17.34
C VAL A 554 30.72 5.78 -16.39
N ALA A 555 31.30 5.02 -15.47
CA ALA A 555 32.18 5.61 -14.47
C ALA A 555 33.42 6.18 -15.15
N LYS A 556 33.93 5.49 -16.18
CA LYS A 556 35.12 5.97 -16.84
C LYS A 556 34.81 7.30 -17.48
N CYS A 557 33.83 7.27 -18.37
CA CYS A 557 33.46 8.42 -19.16
C CYS A 557 33.00 9.59 -18.34
N CYS A 558 32.38 9.36 -17.19
CA CYS A 558 32.06 10.46 -16.27
C CYS A 558 33.29 11.12 -15.66
N GLY A 559 34.40 10.37 -15.53
CA GLY A 559 35.64 10.91 -15.04
C GLY A 559 36.60 11.42 -16.11
N ALA A 560 36.11 11.64 -17.32
CA ALA A 560 36.98 12.08 -18.39
C ALA A 560 37.05 13.62 -18.46
N GLU A 561 38.16 14.17 -19.02
CA GLU A 561 38.19 15.59 -19.52
C GLU A 561 37.03 15.90 -20.44
N ASP A 562 36.84 15.11 -21.50
CA ASP A 562 35.73 15.29 -22.44
C ASP A 562 34.81 14.11 -22.32
N LYS A 563 33.82 14.27 -21.48
CA LYS A 563 32.85 13.19 -21.23
C LYS A 563 32.10 12.69 -22.48
N GLU A 564 31.59 13.61 -23.30
CA GLU A 564 30.85 13.17 -24.46
C GLU A 564 31.69 12.46 -25.54
N ALA A 565 32.95 12.87 -25.69
CA ALA A 565 33.83 12.21 -26.67
C ALA A 565 34.07 10.77 -26.24
N CYS A 566 34.28 10.59 -24.94
CA CYS A 566 34.38 9.27 -24.30
C CYS A 566 33.12 8.44 -24.47
N PHE A 567 31.96 9.02 -24.19
CA PHE A 567 30.70 8.30 -24.47
C PHE A 567 30.50 7.97 -25.93
N ALA A 568 30.80 8.93 -26.84
CA ALA A 568 30.47 8.79 -28.26
C ALA A 568 31.35 7.76 -28.89
N GLU A 569 32.59 7.64 -28.40
CA GLU A 569 33.57 6.72 -28.92
C GLU A 569 33.32 5.29 -28.50
N GLU A 570 33.07 5.12 -27.21
CA GLU A 570 33.11 3.79 -26.61
C GLU A 570 31.70 3.14 -26.56
N GLY A 571 30.72 3.96 -26.16
CA GLY A 571 29.32 3.60 -26.08
C GLY A 571 28.81 2.63 -27.11
N PRO A 572 28.96 2.93 -28.38
CA PRO A 572 28.45 1.97 -29.38
C PRO A 572 29.24 0.63 -29.52
N LYS A 573 30.54 0.64 -29.24
CA LYS A 573 31.34 -0.60 -29.21
C LYS A 573 30.79 -1.50 -28.09
N LEU A 574 30.60 -0.88 -26.94
CA LEU A 574 29.98 -1.56 -25.80
C LEU A 574 28.58 -2.11 -26.10
N VAL A 575 27.80 -1.34 -26.82
CA VAL A 575 26.45 -1.72 -27.14
C VAL A 575 26.40 -2.90 -28.08
N ALA A 576 27.22 -2.94 -29.12
CA ALA A 576 27.24 -4.12 -30.00
C ALA A 576 27.79 -5.38 -29.33
N SER A 577 28.87 -5.24 -28.60
CA SER A 577 29.57 -6.38 -28.08
C SER A 577 28.67 -7.02 -26.99
N SER A 578 28.03 -6.20 -26.17
CA SER A 578 27.19 -6.74 -25.14
C SER A 578 25.95 -7.55 -25.69
N GLN A 579 25.50 -7.27 -26.91
CA GLN A 579 24.52 -8.17 -27.54
C GLN A 579 25.03 -9.62 -27.76
N LEU A 580 26.33 -9.77 -28.01
CA LEU A 580 26.93 -11.07 -28.24
C LEU A 580 26.97 -11.84 -26.92
N ALA A 581 27.12 -11.09 -25.83
CA ALA A 581 27.23 -11.68 -24.47
C ALA A 581 25.91 -12.20 -23.85
N LEU A 582 24.79 -11.98 -24.55
CA LEU A 582 23.49 -12.42 -24.08
C LEU A 582 22.84 -13.54 -24.90
N ALA A 583 23.49 -14.08 -25.93
CA ALA A 583 22.97 -15.36 -26.58
C ALA A 583 22.38 -16.51 -25.60
#